data_3ZGF
#
_entry.id   3ZGF
#
_cell.length_a   52.840
_cell.length_b   78.450
_cell.length_c   155.130
_cell.angle_alpha   90.00
_cell.angle_beta   90.00
_cell.angle_gamma   90.00
#
_symmetry.space_group_name_H-M   'P 21 21 21'
#
loop_
_entity.id
_entity.type
_entity.pdbx_description
1 polymer 'HISTO-BLOOD GROUP ABO SYSTEM TRANSFERASE'
2 non-polymer 'MANGANESE (II) ION'
3 non-polymer "URIDINE-5'-DIPHOSPHATE"
4 non-polymer 'SULFATE ION'
5 non-polymer '1-(2-NITROPHENYL)ETHYL UDP-GALACTOSE'
6 water water
#
_entity_poly.entity_id   1
_entity_poly.type   'polypeptide(L)'
_entity_poly.pdbx_seq_one_letter_code
;MAIGEFMVSLPRMVYPQPKVLTPCRKDVLVVTPWLAPIVWEGTFNIDILNEQFRLQNTTIGLTVFAIKKYVAFLKLFLET
AEKHFMVGHRVHYYVFTDQPAAVPRVTLGTGRQLSVLEVRAYKRWQDVSMRRMEMISDFCERRFLSEVDYLVCVDVDMEF
RDHVGVEILTPLFGTLHPGFYGSSREAFTYERRPQSQAYIPKDEGDFYYGGAFFGGSVQEVQRLTRACHQAMMVDQANGI
EAVWHDESHLNKYLLRHKPTKVLSPEYLWDQQLLGWPAVLRKLRFTAVPKNHQAVRNP
;
_entity_poly.pdbx_strand_id   A,B
#
# COMPACT_ATOMS: atom_id res chain seq x y z
N VAL A 8 -0.98 6.26 17.96
CA VAL A 8 0.14 6.25 18.90
C VAL A 8 1.36 5.55 18.30
N SER A 9 2.27 5.12 19.17
CA SER A 9 3.49 4.45 18.72
C SER A 9 3.35 2.94 18.88
N LEU A 10 4.10 2.20 18.06
CA LEU A 10 4.28 0.78 18.31
C LEU A 10 5.15 0.60 19.56
N PRO A 11 4.92 -0.49 20.31
CA PRO A 11 5.84 -0.74 21.43
C PRO A 11 7.11 -1.36 20.87
N ARG A 12 8.14 -1.44 21.70
CA ARG A 12 9.34 -2.20 21.34
C ARG A 12 8.94 -3.62 20.96
N MET A 13 9.53 -4.13 19.88
CA MET A 13 9.30 -5.51 19.44
C MET A 13 10.62 -6.14 19.00
N VAL A 14 10.80 -7.43 19.30
CA VAL A 14 11.99 -8.15 18.83
C VAL A 14 11.64 -9.10 17.69
N TYR A 15 12.23 -8.88 16.52
CA TYR A 15 12.00 -9.73 15.35
C TYR A 15 13.20 -9.65 14.39
N PRO A 16 13.28 -10.58 13.43
CA PRO A 16 14.48 -10.55 12.58
C PRO A 16 14.52 -9.32 11.69
N GLN A 17 15.73 -8.82 11.46
CA GLN A 17 15.92 -7.65 10.62
C GLN A 17 15.62 -7.98 9.16
N PRO A 18 14.83 -7.13 8.48
CA PRO A 18 14.62 -7.26 7.04
C PRO A 18 15.95 -6.99 6.35
N LYS A 19 16.34 -7.89 5.45
CA LYS A 19 17.61 -7.75 4.76
C LYS A 19 17.41 -7.16 3.35
N VAL A 20 17.98 -5.98 3.16
CA VAL A 20 17.75 -5.20 1.94
C VAL A 20 18.22 -5.92 0.66
N LEU A 21 19.31 -6.66 0.76
CA LEU A 21 19.87 -7.33 -0.40
C LEU A 21 19.50 -8.82 -0.50
N THR A 22 18.39 -9.17 0.14
CA THR A 22 17.80 -10.52 0.05
C THR A 22 16.32 -10.40 -0.27
N PRO A 23 15.92 -10.80 -1.48
CA PRO A 23 14.50 -10.75 -1.85
C PRO A 23 13.67 -11.67 -0.94
N CYS A 24 12.44 -11.29 -0.62
CA CYS A 24 11.65 -12.12 0.29
C CYS A 24 11.08 -13.35 -0.41
N ARG A 25 10.85 -13.25 -1.71
CA ARG A 25 10.50 -14.40 -2.53
C ARG A 25 11.31 -14.31 -3.82
N LYS A 26 11.90 -15.43 -4.22
CA LYS A 26 12.69 -15.45 -5.45
C LYS A 26 11.91 -16.10 -6.59
N ASP A 27 10.70 -16.55 -6.29
CA ASP A 27 9.95 -17.36 -7.25
C ASP A 27 8.68 -16.71 -7.77
N VAL A 28 8.26 -15.62 -7.13
CA VAL A 28 7.01 -14.94 -7.48
C VAL A 28 7.13 -13.42 -7.46
N LEU A 29 6.20 -12.75 -8.12
CA LEU A 29 6.12 -11.30 -8.10
C LEU A 29 5.45 -10.87 -6.80
N VAL A 30 6.09 -10.01 -6.01
CA VAL A 30 5.49 -9.63 -4.71
C VAL A 30 4.98 -8.19 -4.65
N VAL A 31 5.09 -7.45 -5.75
CA VAL A 31 4.57 -6.09 -5.85
CA VAL A 31 4.51 -6.11 -5.83
C VAL A 31 4.07 -5.87 -7.27
N THR A 32 2.89 -5.26 -7.43
CA THR A 32 2.39 -4.96 -8.78
C THR A 32 3.15 -3.73 -9.35
N PRO A 33 2.99 -3.47 -10.66
CA PRO A 33 3.62 -2.28 -11.23
C PRO A 33 3.01 -0.96 -10.75
N TRP A 34 1.88 -1.01 -10.06
CA TRP A 34 1.35 0.21 -9.45
C TRP A 34 1.64 0.22 -7.94
N LEU A 35 2.65 -0.57 -7.54
CA LEU A 35 3.17 -0.63 -6.17
C LEU A 35 2.17 -1.11 -5.11
N ALA A 36 1.28 -2.02 -5.50
CA ALA A 36 0.43 -2.72 -4.55
C ALA A 36 1.12 -4.04 -4.18
N PRO A 37 1.26 -4.32 -2.88
CA PRO A 37 1.79 -5.63 -2.46
C PRO A 37 0.98 -6.78 -3.04
N ILE A 38 1.66 -7.82 -3.49
CA ILE A 38 0.96 -9.08 -3.78
C ILE A 38 1.23 -9.99 -2.59
N VAL A 39 0.16 -10.43 -1.93
CA VAL A 39 0.30 -11.09 -0.62
C VAL A 39 0.58 -12.59 -0.70
N TRP A 40 1.85 -12.96 -0.46
CA TRP A 40 2.28 -14.36 -0.36
C TRP A 40 2.92 -14.60 1.00
N GLU A 41 2.91 -15.86 1.45
CA GLU A 41 3.60 -16.19 2.70
C GLU A 41 5.06 -15.84 2.51
N GLY A 42 5.65 -15.19 3.50
CA GLY A 42 7.04 -14.77 3.40
C GLY A 42 7.20 -13.28 3.17
N THR A 43 6.11 -12.61 2.81
CA THR A 43 6.22 -11.18 2.47
C THR A 43 5.85 -10.30 3.66
N PHE A 44 5.24 -10.91 4.68
CA PHE A 44 4.81 -10.14 5.85
C PHE A 44 5.20 -10.79 7.16
N ASN A 45 5.47 -9.94 8.16
CA ASN A 45 5.63 -10.37 9.54
C ASN A 45 4.29 -10.08 10.21
N ILE A 46 3.56 -11.14 10.54
CA ILE A 46 2.18 -10.98 11.04
C ILE A 46 2.16 -10.34 12.43
N ASP A 47 3.26 -10.49 13.16
CA ASP A 47 3.33 -9.89 14.50
C ASP A 47 3.31 -8.36 14.39
N ILE A 48 4.11 -7.82 13.46
CA ILE A 48 4.10 -6.38 13.24
C ILE A 48 2.72 -5.90 12.77
N LEU A 49 2.16 -6.60 11.78
CA LEU A 49 0.85 -6.23 11.24
C LEU A 49 -0.26 -6.28 12.29
N ASN A 50 -0.25 -7.31 13.14
CA ASN A 50 -1.26 -7.43 14.18
C ASN A 50 -1.16 -6.28 15.17
N GLU A 51 0.08 -5.93 15.54
CA GLU A 51 0.32 -4.86 16.49
C GLU A 51 -0.15 -3.53 15.89
N GLN A 52 0.12 -3.32 14.60
CA GLN A 52 -0.28 -2.10 13.93
C GLN A 52 -1.81 -2.02 13.88
N PHE A 53 -2.41 -3.16 13.60
CA PHE A 53 -3.86 -3.24 13.50
C PHE A 53 -4.54 -2.93 14.82
N ARG A 54 -3.90 -3.28 15.93
CA ARG A 54 -4.48 -3.00 17.24
C ARG A 54 -4.21 -1.58 17.75
N LEU A 55 -3.59 -0.74 16.93
CA LEU A 55 -3.36 0.65 17.31
C LEU A 55 -4.68 1.42 17.33
N GLN A 56 -5.65 0.92 16.56
CA GLN A 56 -7.00 1.48 16.56
C GLN A 56 -8.04 0.37 16.57
N ASN A 57 -9.16 0.57 17.25
CA ASN A 57 -10.21 -0.45 17.28
C ASN A 57 -10.87 -0.58 15.91
N THR A 58 -10.70 -1.74 15.29
CA THR A 58 -11.14 -1.95 13.91
C THR A 58 -11.86 -3.27 13.74
N THR A 59 -13.01 -3.23 13.08
CA THR A 59 -13.87 -4.38 12.92
C THR A 59 -13.94 -4.81 11.46
N ILE A 60 -13.82 -6.11 11.24
CA ILE A 60 -13.82 -6.66 9.88
C ILE A 60 -15.14 -7.35 9.64
N GLY A 61 -15.83 -6.95 8.57
CA GLY A 61 -17.07 -7.61 8.19
C GLY A 61 -16.77 -8.68 7.17
N LEU A 62 -17.49 -9.79 7.26
CA LEU A 62 -17.34 -10.86 6.28
C LEU A 62 -18.73 -11.23 5.74
N THR A 63 -18.94 -11.01 4.43
CA THR A 63 -20.22 -11.35 3.81
C THR A 63 -20.18 -12.69 3.12
N VAL A 64 -21.27 -13.43 3.24
CA VAL A 64 -21.36 -14.71 2.58
C VAL A 64 -22.84 -14.98 2.24
N PHE A 65 -23.08 -15.50 1.03
CA PHE A 65 -24.43 -15.75 0.56
C PHE A 65 -24.74 -17.24 0.63
N ALA A 66 -25.83 -17.57 1.31
CA ALA A 66 -26.29 -18.94 1.42
C ALA A 66 -27.76 -19.00 1.02
N ILE A 67 -28.00 -18.90 -0.29
CA ILE A 67 -29.32 -18.90 -0.88
C ILE A 67 -29.72 -20.28 -1.40
N LYS A 68 -30.95 -20.69 -1.13
CA LYS A 68 -31.46 -22.00 -1.52
C LYS A 68 -30.61 -23.12 -0.91
N LYS A 69 -30.17 -24.06 -1.73
CA LYS A 69 -29.48 -25.25 -1.23
C LYS A 69 -28.07 -24.96 -0.70
N TYR A 70 -27.56 -23.77 -0.96
CA TYR A 70 -26.22 -23.42 -0.51
C TYR A 70 -26.10 -23.23 1.01
N VAL A 71 -27.22 -23.33 1.73
CA VAL A 71 -27.16 -23.24 3.19
C VAL A 71 -26.38 -24.43 3.77
N ALA A 72 -26.25 -25.49 2.98
CA ALA A 72 -25.56 -26.70 3.41
C ALA A 72 -24.06 -26.48 3.64
N PHE A 73 -23.51 -25.43 3.02
CA PHE A 73 -22.08 -25.10 3.13
C PHE A 73 -21.74 -24.29 4.38
N LEU A 74 -22.76 -23.70 5.00
CA LEU A 74 -22.57 -22.74 6.08
C LEU A 74 -21.85 -23.28 7.31
N LYS A 75 -22.18 -24.49 7.73
CA LYS A 75 -21.59 -25.04 8.96
C LYS A 75 -20.07 -25.10 8.89
N LEU A 76 -19.54 -25.67 7.82
CA LEU A 76 -18.09 -25.82 7.67
C LEU A 76 -17.42 -24.48 7.42
N PHE A 77 -18.06 -23.64 6.59
CA PHE A 77 -17.54 -22.30 6.34
C PHE A 77 -17.33 -21.54 7.65
N LEU A 78 -18.38 -21.48 8.48
CA LEU A 78 -18.30 -20.73 9.71
C LEU A 78 -17.35 -21.34 10.73
N GLU A 79 -17.44 -22.65 10.91
CA GLU A 79 -16.58 -23.32 11.87
C GLU A 79 -15.09 -23.13 11.53
N THR A 80 -14.75 -23.14 10.25
CA THR A 80 -13.35 -22.97 9.85
C THR A 80 -12.92 -21.50 9.92
N ALA A 81 -13.84 -20.58 9.63
CA ALA A 81 -13.56 -19.15 9.75
C ALA A 81 -13.22 -18.81 11.19
N GLU A 82 -13.94 -19.45 12.12
CA GLU A 82 -13.66 -19.27 13.53
C GLU A 82 -12.23 -19.69 13.87
N LYS A 83 -11.73 -20.71 13.18
CA LYS A 83 -10.36 -21.20 13.42
C LYS A 83 -9.26 -20.35 12.78
N HIS A 84 -9.57 -19.70 11.67
CA HIS A 84 -8.52 -19.16 10.80
C HIS A 84 -8.71 -17.71 10.35
N PHE A 85 -9.92 -17.19 10.46
CA PHE A 85 -10.22 -15.86 9.92
C PHE A 85 -10.13 -14.73 10.96
N MET A 86 -9.13 -13.86 10.81
CA MET A 86 -8.95 -12.68 11.64
C MET A 86 -9.00 -13.00 13.13
N VAL A 87 -8.42 -14.13 13.49
CA VAL A 87 -8.44 -14.56 14.89
C VAL A 87 -7.74 -13.51 15.75
N GLY A 88 -8.42 -13.08 16.81
CA GLY A 88 -7.85 -12.11 17.72
C GLY A 88 -8.42 -10.73 17.49
N HIS A 89 -9.15 -10.58 16.38
CA HIS A 89 -9.70 -9.28 16.02
C HIS A 89 -11.23 -9.33 16.02
N ARG A 90 -11.86 -8.16 16.04
CA ARG A 90 -13.32 -8.08 16.02
C ARG A 90 -13.88 -8.45 14.65
N VAL A 91 -14.76 -9.46 14.63
CA VAL A 91 -15.33 -9.94 13.37
C VAL A 91 -16.86 -9.91 13.39
N HIS A 92 -17.46 -9.42 12.32
CA HIS A 92 -18.92 -9.40 12.18
C HIS A 92 -19.27 -10.16 10.91
N TYR A 93 -19.82 -11.37 11.07
CA TYR A 93 -20.29 -12.16 9.93
C TYR A 93 -21.65 -11.65 9.46
N TYR A 94 -21.85 -11.64 8.14
CA TYR A 94 -23.15 -11.33 7.55
C TYR A 94 -23.54 -12.45 6.61
N VAL A 95 -24.57 -13.20 6.98
CA VAL A 95 -25.02 -14.32 6.18
C VAL A 95 -26.30 -13.90 5.45
N PHE A 96 -26.20 -13.76 4.14
CA PHE A 96 -27.35 -13.42 3.32
C PHE A 96 -28.07 -14.71 2.97
N THR A 97 -29.34 -14.84 3.32
CA THR A 97 -30.07 -16.08 3.04
C THR A 97 -31.57 -15.86 2.81
N ASP A 98 -32.20 -16.79 2.10
CA ASP A 98 -33.66 -16.82 2.03
C ASP A 98 -34.24 -17.79 3.07
N GLN A 99 -33.35 -18.40 3.85
CA GLN A 99 -33.78 -19.33 4.89
C GLN A 99 -33.13 -18.99 6.22
N PRO A 100 -33.60 -17.91 6.87
CA PRO A 100 -32.99 -17.49 8.14
C PRO A 100 -32.95 -18.62 9.16
N ALA A 101 -33.98 -19.47 9.16
CA ALA A 101 -34.05 -20.55 10.14
C ALA A 101 -33.09 -21.69 9.84
N ALA A 102 -32.50 -21.68 8.65
CA ALA A 102 -31.57 -22.73 8.23
C ALA A 102 -30.10 -22.45 8.60
N VAL A 103 -29.82 -21.25 9.06
CA VAL A 103 -28.47 -20.89 9.47
C VAL A 103 -28.07 -21.67 10.73
N PRO A 104 -27.04 -22.53 10.63
CA PRO A 104 -26.65 -23.38 11.76
C PRO A 104 -26.12 -22.55 12.92
N ARG A 105 -26.41 -22.99 14.15
CA ARG A 105 -25.88 -22.32 15.32
C ARG A 105 -24.40 -22.67 15.47
N VAL A 106 -23.54 -21.68 15.26
CA VAL A 106 -22.12 -21.91 15.40
C VAL A 106 -21.60 -21.08 16.58
N THR A 107 -20.85 -21.73 17.47
CA THR A 107 -20.26 -21.06 18.63
C THR A 107 -19.18 -20.09 18.19
N LEU A 108 -19.26 -18.85 18.65
CA LEU A 108 -18.29 -17.82 18.24
C LEU A 108 -17.36 -17.39 19.38
N GLY A 109 -16.09 -17.16 19.05
CA GLY A 109 -15.14 -16.63 20.01
C GLY A 109 -15.57 -15.24 20.45
N THR A 110 -14.92 -14.72 21.49
CA THR A 110 -15.26 -13.40 22.01
C THR A 110 -14.96 -12.32 20.98
N GLY A 111 -15.79 -11.27 20.95
CA GLY A 111 -15.60 -10.18 20.00
C GLY A 111 -16.02 -10.52 18.58
N ARG A 112 -16.75 -11.62 18.43
CA ARG A 112 -17.20 -12.05 17.12
C ARG A 112 -18.71 -12.19 17.13
N GLN A 113 -19.37 -11.74 16.07
CA GLN A 113 -20.82 -11.87 16.01
C GLN A 113 -21.34 -12.18 14.62
N LEU A 114 -22.53 -12.74 14.56
CA LEU A 114 -23.12 -13.15 13.30
C LEU A 114 -24.52 -12.54 13.13
N SER A 115 -24.75 -11.91 11.97
CA SER A 115 -26.06 -11.35 11.67
C SER A 115 -26.63 -12.02 10.42
N VAL A 116 -27.90 -12.43 10.49
CA VAL A 116 -28.56 -13.04 9.35
C VAL A 116 -29.36 -12.02 8.58
N LEU A 117 -29.05 -11.86 7.31
CA LEU A 117 -29.75 -10.91 6.45
C LEU A 117 -30.70 -11.65 5.50
N GLU A 118 -32.00 -11.41 5.64
CA GLU A 118 -33.00 -12.08 4.80
C GLU A 118 -33.17 -11.37 3.45
N VAL A 119 -32.99 -12.12 2.35
CA VAL A 119 -33.07 -11.55 1.01
C VAL A 119 -33.83 -12.48 0.07
N ARG A 120 -34.27 -11.93 -1.07
CA ARG A 120 -34.98 -12.72 -2.08
C ARG A 120 -34.08 -13.78 -2.69
N ALA A 121 -34.68 -14.90 -3.09
CA ALA A 121 -33.96 -15.94 -3.81
C ALA A 121 -34.32 -15.91 -5.29
N TYR A 122 -33.34 -15.57 -6.12
CA TYR A 122 -33.58 -15.53 -7.57
C TYR A 122 -33.61 -16.96 -8.12
N LYS A 123 -34.35 -17.12 -9.22
CA LYS A 123 -34.57 -18.41 -9.83
C LYS A 123 -33.31 -18.99 -10.48
N ARG A 124 -32.71 -18.21 -11.38
CA ARG A 124 -31.51 -18.63 -12.09
C ARG A 124 -30.27 -18.45 -11.21
N TRP A 125 -29.43 -19.49 -11.14
CA TRP A 125 -28.19 -19.38 -10.37
C TRP A 125 -27.34 -18.20 -10.84
N GLN A 126 -27.40 -17.88 -12.13
CA GLN A 126 -26.60 -16.77 -12.66
C GLN A 126 -27.02 -15.51 -11.94
N ASP A 127 -28.33 -15.33 -11.80
CA ASP A 127 -28.87 -14.19 -11.10
C ASP A 127 -28.57 -14.21 -9.60
N VAL A 128 -28.57 -15.38 -8.98
CA VAL A 128 -28.20 -15.48 -7.57
C VAL A 128 -26.78 -14.97 -7.37
N SER A 129 -25.87 -15.40 -8.23
CA SER A 129 -24.47 -14.99 -8.16
C SER A 129 -24.31 -13.50 -8.46
N MET A 130 -24.89 -13.06 -9.57
CA MET A 130 -24.78 -11.67 -10.00
C MET A 130 -25.40 -10.66 -9.02
N ARG A 131 -26.56 -10.99 -8.48
CA ARG A 131 -27.28 -10.05 -7.61
C ARG A 131 -26.57 -9.83 -6.27
N ARG A 132 -25.53 -10.61 -5.99
CA ARG A 132 -24.71 -10.39 -4.79
C ARG A 132 -24.14 -8.98 -4.78
N MET A 133 -23.79 -8.46 -5.96
CA MET A 133 -23.27 -7.10 -6.05
C MET A 133 -24.31 -6.08 -5.61
N GLU A 134 -25.53 -6.22 -6.11
CA GLU A 134 -26.61 -5.33 -5.69
C GLU A 134 -26.87 -5.42 -4.19
N MET A 135 -26.96 -6.65 -3.68
CA MET A 135 -27.27 -6.88 -2.28
C MET A 135 -26.19 -6.38 -1.32
N ILE A 136 -24.92 -6.67 -1.64
CA ILE A 136 -23.82 -6.10 -0.86
C ILE A 136 -23.88 -4.58 -0.85
N SER A 137 -24.06 -3.99 -2.02
CA SER A 137 -24.14 -2.53 -2.18
C SER A 137 -25.29 -1.92 -1.36
N ASP A 138 -26.47 -2.53 -1.46
CA ASP A 138 -27.63 -2.08 -0.68
C ASP A 138 -27.31 -2.10 0.80
N PHE A 139 -26.71 -3.19 1.25
CA PHE A 139 -26.47 -3.36 2.68
C PHE A 139 -25.27 -2.58 3.19
N CYS A 140 -24.44 -2.09 2.26
CA CYS A 140 -23.39 -1.16 2.65
C CYS A 140 -24.05 0.07 3.21
N GLU A 141 -25.06 0.55 2.50
CA GLU A 141 -25.86 1.68 2.95
C GLU A 141 -26.56 1.36 4.26
N ARG A 142 -27.30 0.27 4.28
CA ARG A 142 -28.20 -0.03 5.39
C ARG A 142 -27.46 -0.31 6.69
N ARG A 143 -26.34 -1.02 6.59
CA ARG A 143 -25.71 -1.56 7.80
C ARG A 143 -24.19 -1.47 7.88
N PHE A 144 -23.49 -1.88 6.84
CA PHE A 144 -22.05 -2.05 6.94
C PHE A 144 -21.27 -0.77 7.26
N LEU A 145 -21.64 0.33 6.61
CA LEU A 145 -20.97 1.61 6.86
C LEU A 145 -20.92 1.96 8.36
N SER A 146 -21.97 1.64 9.09
CA SER A 146 -22.02 1.99 10.50
C SER A 146 -21.45 0.89 11.42
N GLU A 147 -21.32 -0.32 10.89
CA GLU A 147 -20.99 -1.48 11.73
C GLU A 147 -19.57 -2.04 11.61
N VAL A 148 -18.96 -1.91 10.43
CA VAL A 148 -17.60 -2.43 10.21
C VAL A 148 -16.71 -1.45 9.45
N ASP A 149 -15.40 -1.67 9.50
CA ASP A 149 -14.46 -0.80 8.81
C ASP A 149 -13.98 -1.40 7.49
N TYR A 150 -13.93 -2.73 7.43
CA TYR A 150 -13.59 -3.45 6.21
C TYR A 150 -14.66 -4.47 5.87
N LEU A 151 -14.78 -4.78 4.58
CA LEU A 151 -15.62 -5.89 4.12
C LEU A 151 -14.79 -6.87 3.34
N VAL A 152 -14.96 -8.15 3.65
CA VAL A 152 -14.35 -9.24 2.89
C VAL A 152 -15.54 -10.04 2.33
N CYS A 153 -15.60 -10.20 1.02
CA CYS A 153 -16.76 -10.80 0.36
C CYS A 153 -16.33 -12.09 -0.35
N VAL A 154 -16.89 -13.21 0.10
CA VAL A 154 -16.45 -14.52 -0.39
C VAL A 154 -17.58 -15.46 -0.78
N ASP A 155 -17.24 -16.48 -1.57
CA ASP A 155 -18.14 -17.60 -1.85
C ASP A 155 -18.33 -18.45 -0.59
N VAL A 156 -19.49 -19.10 -0.48
CA VAL A 156 -19.81 -19.91 0.71
C VAL A 156 -19.33 -21.36 0.56
N ASP A 157 -19.16 -21.79 -0.69
CA ASP A 157 -18.82 -23.18 -0.99
C ASP A 157 -17.31 -23.43 -0.83
N MET A 158 -16.82 -23.06 0.34
CA MET A 158 -15.39 -23.00 0.62
C MET A 158 -15.11 -23.36 2.08
N GLU A 159 -13.84 -23.61 2.39
CA GLU A 159 -13.42 -23.73 3.79
C GLU A 159 -12.09 -23.02 4.02
N PHE A 160 -11.91 -22.47 5.21
CA PHE A 160 -10.59 -21.98 5.61
C PHE A 160 -9.74 -23.14 6.10
N ARG A 161 -8.48 -23.20 5.64
CA ARG A 161 -7.55 -24.25 6.05
C ARG A 161 -6.29 -23.72 6.75
N ASP A 162 -6.06 -22.42 6.66
CA ASP A 162 -4.90 -21.80 7.29
C ASP A 162 -5.18 -20.31 7.51
N HIS A 163 -4.23 -19.62 8.11
CA HIS A 163 -4.36 -18.19 8.47
C HIS A 163 -4.88 -17.29 7.33
N VAL A 164 -5.96 -16.57 7.59
CA VAL A 164 -6.36 -15.44 6.75
C VAL A 164 -6.60 -14.26 7.70
N GLY A 165 -5.66 -13.30 7.68
CA GLY A 165 -5.63 -12.25 8.69
C GLY A 165 -5.47 -10.85 8.12
N VAL A 166 -5.00 -9.94 8.96
CA VAL A 166 -5.02 -8.52 8.60
C VAL A 166 -4.05 -8.16 7.47
N GLU A 167 -3.18 -9.09 7.10
CA GLU A 167 -2.31 -8.90 5.93
C GLU A 167 -3.10 -8.58 4.66
N ILE A 168 -4.37 -8.99 4.60
CA ILE A 168 -5.17 -8.78 3.39
C ILE A 168 -5.84 -7.40 3.37
N LEU A 169 -5.89 -6.73 4.53
CA LEU A 169 -6.70 -5.51 4.67
C LEU A 169 -6.04 -4.28 4.07
N THR A 170 -6.84 -3.47 3.36
CA THR A 170 -6.34 -2.40 2.51
C THR A 170 -7.60 -1.74 1.93
N PRO A 171 -7.48 -0.54 1.32
CA PRO A 171 -8.70 0.05 0.75
C PRO A 171 -9.42 -0.82 -0.30
N LEU A 172 -8.69 -1.53 -1.15
CA LEU A 172 -9.36 -2.33 -2.16
C LEU A 172 -8.48 -3.53 -2.54
N PHE A 173 -9.00 -4.74 -2.45
CA PHE A 173 -8.22 -5.89 -2.90
C PHE A 173 -8.98 -6.87 -3.80
N GLY A 174 -8.23 -7.49 -4.69
CA GLY A 174 -8.74 -8.63 -5.44
C GLY A 174 -7.80 -9.80 -5.19
N THR A 175 -8.20 -10.98 -5.64
CA THR A 175 -7.46 -12.20 -5.44
C THR A 175 -7.17 -12.88 -6.78
N LEU A 176 -5.92 -13.29 -6.99
CA LEU A 176 -5.57 -14.06 -8.18
C LEU A 176 -6.35 -15.37 -8.28
N HIS A 177 -7.07 -15.56 -9.40
CA HIS A 177 -7.82 -16.79 -9.63
C HIS A 177 -6.83 -17.94 -9.77
N PRO A 178 -7.10 -19.08 -9.14
CA PRO A 178 -6.12 -20.17 -9.11
C PRO A 178 -5.86 -20.82 -10.47
N GLY A 179 -6.80 -20.67 -11.41
CA GLY A 179 -6.68 -21.31 -12.69
C GLY A 179 -5.85 -20.49 -13.68
N PHE A 180 -5.56 -19.25 -13.33
CA PHE A 180 -4.93 -18.35 -14.30
C PHE A 180 -3.71 -17.57 -13.83
N TYR A 181 -3.23 -17.82 -12.60
CA TYR A 181 -2.15 -16.98 -12.06
C TYR A 181 -0.89 -17.02 -12.92
N GLY A 182 -0.64 -18.17 -13.56
CA GLY A 182 0.53 -18.30 -14.42
C GLY A 182 0.26 -18.09 -15.89
N SER A 183 -0.91 -17.58 -16.22
CA SER A 183 -1.35 -17.48 -17.62
C SER A 183 -1.03 -16.12 -18.24
N SER A 184 -0.91 -16.08 -19.56
CA SER A 184 -0.80 -14.81 -20.26
C SER A 184 -2.19 -14.21 -20.46
N ARG A 185 -2.26 -12.89 -20.62
CA ARG A 185 -3.53 -12.16 -20.60
C ARG A 185 -4.51 -12.60 -21.70
N GLU A 186 -3.98 -13.03 -22.84
CA GLU A 186 -4.84 -13.47 -23.94
C GLU A 186 -5.63 -14.72 -23.57
N ALA A 187 -5.10 -15.52 -22.64
CA ALA A 187 -5.77 -16.75 -22.23
C ALA A 187 -6.78 -16.49 -21.13
N PHE A 188 -6.74 -15.30 -20.53
CA PHE A 188 -7.72 -14.93 -19.49
C PHE A 188 -9.14 -14.99 -20.05
N THR A 189 -10.06 -15.51 -19.24
CA THR A 189 -11.45 -15.59 -19.69
C THR A 189 -12.26 -14.33 -19.36
N TYR A 190 -11.70 -13.16 -19.66
CA TYR A 190 -12.43 -11.90 -19.61
C TYR A 190 -13.60 -11.94 -20.57
N GLU A 191 -14.59 -11.06 -20.37
CA GLU A 191 -15.60 -10.85 -21.41
C GLU A 191 -14.93 -10.26 -22.65
N ARG A 192 -15.15 -10.88 -23.82
CA ARG A 192 -14.51 -10.39 -25.03
C ARG A 192 -15.47 -9.78 -26.06
N ARG A 193 -16.76 -9.74 -25.74
CA ARG A 193 -17.73 -9.15 -26.65
C ARG A 193 -17.83 -7.66 -26.35
N PRO A 194 -17.51 -6.81 -27.35
CA PRO A 194 -17.51 -5.36 -27.17
C PRO A 194 -18.88 -4.80 -26.75
N GLN A 195 -19.95 -5.54 -27.03
CA GLN A 195 -21.31 -5.08 -26.71
C GLN A 195 -21.57 -5.05 -25.21
N SER A 196 -20.68 -5.70 -24.46
CA SER A 196 -20.85 -5.82 -23.02
C SER A 196 -20.03 -4.79 -22.24
N GLN A 197 -20.58 -4.36 -21.11
CA GLN A 197 -19.91 -3.42 -20.24
C GLN A 197 -18.63 -4.01 -19.65
N ALA A 198 -18.54 -5.34 -19.64
CA ALA A 198 -17.40 -6.02 -19.01
C ALA A 198 -16.27 -6.24 -19.99
N TYR A 199 -16.49 -5.84 -21.24
CA TYR A 199 -15.52 -6.03 -22.30
C TYR A 199 -14.11 -5.61 -21.91
N ILE A 200 -13.15 -6.51 -22.13
CA ILE A 200 -11.73 -6.19 -22.05
C ILE A 200 -11.03 -6.75 -23.29
N PRO A 201 -10.35 -5.87 -24.06
CA PRO A 201 -9.65 -6.26 -25.28
C PRO A 201 -8.48 -7.21 -25.00
N LYS A 202 -8.03 -7.92 -26.03
CA LYS A 202 -6.94 -8.88 -25.92
C LYS A 202 -5.61 -8.31 -25.41
N ASP A 203 -5.36 -7.03 -25.69
CA ASP A 203 -4.07 -6.44 -25.34
C ASP A 203 -4.09 -5.71 -23.98
N GLU A 204 -5.16 -5.90 -23.20
CA GLU A 204 -5.26 -5.30 -21.87
C GLU A 204 -5.50 -6.35 -20.79
N GLY A 205 -5.21 -6.00 -19.54
CA GLY A 205 -5.40 -6.91 -18.43
C GLY A 205 -4.13 -7.05 -17.61
N ASP A 206 -4.27 -7.00 -16.28
CA ASP A 206 -3.11 -7.20 -15.41
C ASP A 206 -3.15 -8.62 -14.89
N PHE A 207 -4.27 -8.98 -14.27
CA PHE A 207 -4.43 -10.28 -13.66
C PHE A 207 -5.85 -10.72 -13.93
N TYR A 208 -6.11 -12.01 -13.76
CA TYR A 208 -7.48 -12.49 -13.75
C TYR A 208 -7.90 -12.72 -12.30
N TYR A 209 -8.77 -11.84 -11.79
CA TYR A 209 -9.18 -11.91 -10.38
C TYR A 209 -10.40 -12.82 -10.22
N GLY A 210 -10.46 -13.55 -9.12
CA GLY A 210 -11.59 -14.42 -8.86
C GLY A 210 -12.76 -13.73 -8.20
N GLY A 211 -13.97 -14.01 -8.68
CA GLY A 211 -15.16 -13.43 -8.10
C GLY A 211 -15.47 -13.90 -6.69
N ALA A 212 -14.82 -14.99 -6.27
CA ALA A 212 -15.10 -15.62 -4.97
C ALA A 212 -14.37 -14.99 -3.78
N PHE A 213 -13.55 -13.97 -4.00
CA PHE A 213 -12.80 -13.38 -2.88
C PHE A 213 -12.30 -11.98 -3.24
N PHE A 214 -13.02 -10.97 -2.79
CA PHE A 214 -12.58 -9.58 -2.93
C PHE A 214 -13.00 -8.82 -1.68
N GLY A 215 -12.54 -7.58 -1.57
CA GLY A 215 -12.86 -6.80 -0.38
C GLY A 215 -12.14 -5.48 -0.30
N GLY A 216 -12.23 -4.84 0.85
CA GLY A 216 -11.54 -3.58 1.09
C GLY A 216 -12.28 -2.78 2.14
N SER A 217 -12.10 -1.46 2.14
CA SER A 217 -12.84 -0.62 3.08
C SER A 217 -14.31 -0.72 2.69
N VAL A 218 -15.22 -0.32 3.59
CA VAL A 218 -16.63 -0.34 3.22
C VAL A 218 -16.91 0.60 2.05
N GLN A 219 -16.33 1.79 2.06
CA GLN A 219 -16.52 2.74 0.97
C GLN A 219 -16.08 2.21 -0.38
N GLU A 220 -14.90 1.58 -0.43
CA GLU A 220 -14.40 1.03 -1.69
C GLU A 220 -15.18 -0.20 -2.16
N VAL A 221 -15.65 -1.01 -1.22
CA VAL A 221 -16.48 -2.17 -1.58
C VAL A 221 -17.85 -1.68 -2.05
N GLN A 222 -18.40 -0.67 -1.38
CA GLN A 222 -19.66 -0.07 -1.83
C GLN A 222 -19.53 0.42 -3.26
N ARG A 223 -18.45 1.14 -3.55
CA ARG A 223 -18.20 1.64 -4.91
C ARG A 223 -18.12 0.51 -5.93
N LEU A 224 -17.36 -0.53 -5.58
CA LEU A 224 -17.12 -1.63 -6.50
C LEU A 224 -18.45 -2.34 -6.81
N THR A 225 -19.17 -2.69 -5.76
CA THR A 225 -20.38 -3.49 -5.91
C THR A 225 -21.48 -2.69 -6.63
N ARG A 226 -21.65 -1.43 -6.25
CA ARG A 226 -22.58 -0.56 -6.95
C ARG A 226 -22.24 -0.44 -8.45
N ALA A 227 -20.96 -0.27 -8.76
CA ALA A 227 -20.53 -0.16 -10.16
C ALA A 227 -20.79 -1.45 -10.94
N CYS A 228 -20.46 -2.58 -10.32
CA CYS A 228 -20.67 -3.87 -10.97
C CYS A 228 -22.15 -4.16 -11.19
N HIS A 229 -22.97 -3.82 -10.20
CA HIS A 229 -24.41 -3.96 -10.38
C HIS A 229 -24.92 -3.11 -11.54
N GLN A 230 -24.50 -1.85 -11.60
CA GLN A 230 -24.97 -0.94 -12.63
C GLN A 230 -24.59 -1.45 -14.01
N ALA A 231 -23.35 -1.91 -14.15
CA ALA A 231 -22.87 -2.44 -15.43
C ALA A 231 -23.69 -3.65 -15.86
N MET A 232 -24.05 -4.49 -14.89
CA MET A 232 -24.83 -5.68 -15.19
C MET A 232 -26.23 -5.31 -15.68
N MET A 233 -26.84 -4.32 -15.04
CA MET A 233 -28.15 -3.85 -15.45
C MET A 233 -28.12 -3.26 -16.86
N VAL A 234 -27.04 -2.56 -17.20
CA VAL A 234 -26.89 -2.03 -18.55
C VAL A 234 -26.84 -3.17 -19.58
N ASP A 235 -26.04 -4.20 -19.28
CA ASP A 235 -26.00 -5.40 -20.12
C ASP A 235 -27.40 -6.01 -20.28
N GLN A 236 -28.06 -6.27 -19.16
CA GLN A 236 -29.40 -6.88 -19.17
C GLN A 236 -30.35 -6.09 -20.07
N ALA A 237 -30.27 -4.76 -19.99
CA ALA A 237 -31.06 -3.89 -20.85
C ALA A 237 -30.67 -4.04 -22.31
N ASN A 238 -29.39 -4.34 -22.55
CA ASN A 238 -28.88 -4.52 -23.90
C ASN A 238 -28.98 -5.97 -24.39
N GLY A 239 -29.63 -6.82 -23.60
CA GLY A 239 -29.85 -8.20 -23.97
C GLY A 239 -28.60 -9.08 -23.95
N ILE A 240 -27.68 -8.78 -23.06
CA ILE A 240 -26.46 -9.55 -22.95
C ILE A 240 -26.15 -9.89 -21.49
N GLU A 241 -25.56 -11.06 -21.28
CA GLU A 241 -25.10 -11.47 -19.97
C GLU A 241 -23.64 -11.87 -20.13
N ALA A 242 -22.76 -11.30 -19.31
CA ALA A 242 -21.33 -11.54 -19.43
C ALA A 242 -20.96 -13.02 -19.26
N VAL A 243 -19.89 -13.45 -19.94
CA VAL A 243 -19.51 -14.87 -19.98
C VAL A 243 -19.29 -15.51 -18.59
N TRP A 244 -18.70 -14.76 -17.68
CA TRP A 244 -18.50 -15.27 -16.33
C TRP A 244 -19.18 -14.36 -15.30
N HIS A 245 -20.30 -13.77 -15.72
CA HIS A 245 -21.22 -13.11 -14.80
C HIS A 245 -20.54 -12.04 -13.93
N ASP A 246 -20.76 -12.11 -12.61
CA ASP A 246 -20.19 -11.08 -11.72
C ASP A 246 -18.68 -11.01 -11.77
N GLU A 247 -18.03 -12.16 -12.01
CA GLU A 247 -16.57 -12.21 -12.12
C GLU A 247 -16.03 -11.39 -13.30
N SER A 248 -16.78 -11.38 -14.40
CA SER A 248 -16.39 -10.62 -15.56
C SER A 248 -16.44 -9.12 -15.28
N HIS A 249 -17.47 -8.69 -14.54
CA HIS A 249 -17.60 -7.28 -14.22
C HIS A 249 -16.59 -6.86 -13.15
N LEU A 250 -16.33 -7.76 -12.20
CA LEU A 250 -15.31 -7.53 -11.20
C LEU A 250 -13.97 -7.26 -11.88
N ASN A 251 -13.67 -8.05 -12.90
CA ASN A 251 -12.40 -7.90 -13.63
C ASN A 251 -12.30 -6.60 -14.41
N LYS A 252 -13.42 -6.20 -15.03
CA LYS A 252 -13.48 -4.91 -15.71
C LYS A 252 -13.26 -3.80 -14.68
N TYR A 253 -13.89 -3.92 -13.51
CA TYR A 253 -13.76 -2.89 -12.49
C TYR A 253 -12.33 -2.77 -11.99
N LEU A 254 -11.70 -3.91 -11.67
CA LEU A 254 -10.35 -3.88 -11.09
C LEU A 254 -9.28 -3.52 -12.13
N LEU A 255 -9.58 -3.69 -13.41
CA LEU A 255 -8.66 -3.29 -14.46
C LEU A 255 -8.53 -1.77 -14.45
N ARG A 256 -9.67 -1.09 -14.31
CA ARG A 256 -9.72 0.37 -14.41
C ARG A 256 -9.59 1.08 -13.06
N HIS A 257 -9.78 0.34 -11.97
CA HIS A 257 -9.59 0.82 -10.60
C HIS A 257 -8.68 -0.18 -9.90
N LYS A 258 -7.38 0.07 -9.95
CA LYS A 258 -6.37 -0.88 -9.48
C LYS A 258 -6.47 -1.14 -7.98
N PRO A 259 -6.49 -2.42 -7.59
CA PRO A 259 -6.52 -2.73 -6.16
C PRO A 259 -5.23 -2.28 -5.45
N THR A 260 -5.35 -1.90 -4.18
CA THR A 260 -4.20 -1.46 -3.39
C THR A 260 -3.45 -2.63 -2.73
N LYS A 261 -4.06 -3.82 -2.74
CA LYS A 261 -3.33 -5.08 -2.56
C LYS A 261 -3.93 -6.16 -3.48
N VAL A 262 -3.11 -7.15 -3.82
CA VAL A 262 -3.61 -8.30 -4.56
C VAL A 262 -3.23 -9.54 -3.77
N LEU A 263 -4.21 -10.39 -3.50
CA LEU A 263 -3.95 -11.63 -2.78
C LEU A 263 -3.51 -12.76 -3.73
N SER A 264 -2.47 -13.47 -3.32
CA SER A 264 -1.98 -14.64 -4.07
C SER A 264 -3.03 -15.76 -4.04
N PRO A 265 -2.87 -16.79 -4.89
CA PRO A 265 -3.83 -17.90 -4.91
C PRO A 265 -3.79 -18.76 -3.64
N GLU A 266 -2.89 -18.46 -2.70
CA GLU A 266 -2.97 -19.08 -1.38
C GLU A 266 -4.35 -18.87 -0.81
N TYR A 267 -4.96 -17.74 -1.18
CA TYR A 267 -6.22 -17.30 -0.62
C TYR A 267 -7.45 -17.81 -1.37
N LEU A 268 -7.25 -18.50 -2.47
CA LEU A 268 -8.38 -19.03 -3.25
C LEU A 268 -7.88 -20.19 -4.09
N TRP A 269 -8.16 -21.42 -3.64
CA TRP A 269 -7.53 -22.57 -4.26
C TRP A 269 -8.49 -23.75 -4.37
N ASP A 270 -8.15 -24.71 -5.22
CA ASP A 270 -8.85 -25.98 -5.30
C ASP A 270 -7.77 -27.06 -5.38
N GLN A 271 -7.57 -27.77 -4.29
CA GLN A 271 -6.48 -28.75 -4.21
C GLN A 271 -6.77 -29.98 -5.05
N GLN A 272 -8.04 -30.33 -5.20
CA GLN A 272 -8.39 -31.48 -6.03
C GLN A 272 -7.96 -31.26 -7.47
N LEU A 273 -8.23 -30.08 -8.00
CA LEU A 273 -7.91 -29.75 -9.39
C LEU A 273 -6.45 -29.37 -9.61
N LEU A 274 -5.79 -28.85 -8.58
CA LEU A 274 -4.50 -28.20 -8.77
C LEU A 274 -3.36 -28.72 -7.87
N GLY A 275 -3.69 -29.60 -6.92
CA GLY A 275 -2.70 -30.14 -6.00
C GLY A 275 -2.13 -29.08 -5.06
N TRP A 276 -0.86 -29.25 -4.67
CA TRP A 276 -0.19 -28.31 -3.77
C TRP A 276 1.21 -27.99 -4.30
N PRO A 277 1.30 -27.03 -5.25
CA PRO A 277 2.56 -26.65 -5.90
C PRO A 277 3.55 -26.02 -4.92
N ALA A 278 4.84 -26.12 -5.20
CA ALA A 278 5.87 -25.52 -4.34
C ALA A 278 5.68 -24.02 -4.19
N VAL A 279 5.15 -23.39 -5.22
CA VAL A 279 4.91 -21.94 -5.20
C VAL A 279 3.91 -21.53 -4.13
N LEU A 280 3.06 -22.47 -3.69
CA LEU A 280 2.11 -22.23 -2.60
C LEU A 280 2.62 -22.77 -1.26
N ARG A 281 3.13 -21.88 -0.41
CA ARG A 281 3.64 -22.31 0.88
C ARG A 281 2.52 -22.64 1.86
N LYS A 282 1.38 -21.97 1.69
CA LYS A 282 0.20 -22.22 2.50
CA LYS A 282 0.20 -22.25 2.48
C LYS A 282 -1.02 -22.31 1.58
N LEU A 283 -1.99 -23.16 1.95
CA LEU A 283 -3.30 -23.22 1.28
C LEU A 283 -4.33 -22.71 2.31
N ARG A 284 -4.80 -21.48 2.12
CA ARG A 284 -5.55 -20.81 3.19
C ARG A 284 -7.08 -20.93 3.09
N PHE A 285 -7.61 -20.90 1.88
CA PHE A 285 -9.06 -20.84 1.69
C PHE A 285 -9.35 -21.60 0.40
N THR A 286 -10.11 -22.69 0.52
CA THR A 286 -10.14 -23.69 -0.56
C THR A 286 -11.53 -24.20 -0.86
N ALA A 287 -11.71 -24.64 -2.10
CA ALA A 287 -13.00 -25.18 -2.56
C ALA A 287 -13.40 -26.48 -1.83
N VAL A 288 -14.68 -26.61 -1.49
CA VAL A 288 -15.23 -27.88 -1.01
C VAL A 288 -15.90 -28.59 -2.18
N PRO A 289 -15.87 -29.94 -2.17
CA PRO A 289 -16.55 -30.70 -3.22
C PRO A 289 -18.05 -30.37 -3.30
N LYS A 290 -18.59 -30.28 -4.51
CA LYS A 290 -20.02 -30.06 -4.70
C LYS A 290 -20.48 -30.58 -6.06
N ASN A 291 -21.77 -30.91 -6.14
CA ASN A 291 -22.39 -31.31 -7.40
C ASN A 291 -23.07 -30.11 -8.05
N HIS A 292 -22.41 -29.53 -9.05
CA HIS A 292 -22.80 -28.23 -9.60
C HIS A 292 -24.23 -28.16 -10.19
N GLN A 293 -24.56 -29.13 -11.04
CA GLN A 293 -25.89 -29.20 -11.64
C GLN A 293 -27.00 -29.34 -10.60
N ALA A 294 -26.73 -30.10 -9.54
CA ALA A 294 -27.72 -30.39 -8.51
C ALA A 294 -27.99 -29.20 -7.59
N VAL A 295 -26.94 -28.64 -7.00
CA VAL A 295 -27.09 -27.59 -5.99
C VAL A 295 -27.56 -26.25 -6.57
N ARG A 296 -27.29 -26.03 -7.86
CA ARG A 296 -27.65 -24.78 -8.52
C ARG A 296 -29.11 -24.71 -8.97
N ASN A 297 -29.78 -25.85 -8.96
CA ASN A 297 -31.17 -25.95 -9.43
C ASN A 297 -32.03 -26.69 -8.41
N PRO A 298 -33.36 -26.49 -8.44
CA PRO A 298 -34.24 -27.16 -7.47
C PRO A 298 -34.24 -28.68 -7.65
N SER B 9 -11.54 6.13 -12.51
CA SER B 9 -11.42 5.19 -13.63
C SER B 9 -10.29 5.53 -14.60
N LEU B 10 -9.35 4.62 -14.74
CA LEU B 10 -8.24 4.80 -15.68
C LEU B 10 -8.68 4.63 -17.13
N PRO B 11 -7.96 5.25 -18.07
CA PRO B 11 -8.29 5.01 -19.49
C PRO B 11 -7.68 3.67 -19.92
N ARG B 12 -8.05 3.19 -21.10
CA ARG B 12 -7.38 2.02 -21.67
C ARG B 12 -5.90 2.34 -21.83
N MET B 13 -5.04 1.42 -21.40
CA MET B 13 -3.59 1.58 -21.58
C MET B 13 -3.00 0.28 -22.09
N VAL B 14 -2.01 0.39 -22.96
CA VAL B 14 -1.28 -0.75 -23.49
C VAL B 14 0.11 -0.81 -22.84
N TYR B 15 0.33 -1.81 -21.98
CA TYR B 15 1.66 -2.01 -21.37
C TYR B 15 1.96 -3.50 -21.16
N PRO B 16 3.23 -3.85 -20.88
CA PRO B 16 3.55 -5.27 -20.66
C PRO B 16 2.80 -5.84 -19.46
N GLN B 17 2.24 -7.03 -19.64
CA GLN B 17 1.54 -7.71 -18.56
C GLN B 17 2.51 -8.03 -17.42
N PRO B 18 2.10 -7.73 -16.18
CA PRO B 18 2.92 -8.15 -15.04
C PRO B 18 2.93 -9.67 -14.98
N LYS B 19 4.09 -10.24 -14.69
CA LYS B 19 4.28 -11.68 -14.69
C LYS B 19 4.29 -12.23 -13.27
N VAL B 20 3.22 -12.90 -12.89
CA VAL B 20 3.07 -13.43 -11.53
C VAL B 20 4.22 -14.33 -11.06
N LEU B 21 4.76 -15.14 -11.97
CA LEU B 21 5.81 -16.08 -11.59
C LEU B 21 7.21 -15.60 -11.98
N THR B 22 7.35 -14.29 -12.07
CA THR B 22 8.65 -13.67 -12.35
C THR B 22 8.88 -12.49 -11.40
N PRO B 23 9.83 -12.64 -10.46
CA PRO B 23 10.13 -11.56 -9.51
C PRO B 23 10.57 -10.29 -10.28
N CYS B 24 10.15 -9.11 -9.84
CA CYS B 24 10.52 -7.88 -10.53
C CYS B 24 11.99 -7.50 -10.27
N ARG B 25 12.51 -7.91 -9.11
CA ARG B 25 13.93 -7.82 -8.80
C ARG B 25 14.30 -9.09 -8.05
N LYS B 26 15.44 -9.67 -8.40
CA LYS B 26 15.89 -10.91 -7.77
C LYS B 26 17.03 -10.61 -6.81
N ASP B 27 17.47 -9.35 -6.78
CA ASP B 27 18.67 -8.98 -6.05
C ASP B 27 18.42 -8.13 -4.83
N VAL B 28 17.18 -7.63 -4.70
CA VAL B 28 16.82 -6.74 -3.61
C VAL B 28 15.44 -7.04 -3.04
N LEU B 29 15.25 -6.63 -1.80
CA LEU B 29 13.96 -6.70 -1.14
C LEU B 29 13.08 -5.56 -1.67
N VAL B 30 11.91 -5.89 -2.22
CA VAL B 30 11.03 -4.85 -2.76
C VAL B 30 9.75 -4.57 -1.95
N VAL B 31 9.58 -5.25 -0.82
CA VAL B 31 8.46 -4.96 0.08
CA VAL B 31 8.45 -5.00 0.09
C VAL B 31 8.94 -5.19 1.52
N THR B 32 8.57 -4.29 2.45
CA THR B 32 8.98 -4.45 3.85
C THR B 32 8.09 -5.51 4.54
N PRO B 33 8.50 -5.99 5.73
CA PRO B 33 7.68 -6.98 6.43
C PRO B 33 6.33 -6.43 6.89
N TRP B 34 6.14 -5.12 6.79
CA TRP B 34 4.83 -4.54 7.08
C TRP B 34 4.09 -4.15 5.80
N LEU B 35 4.51 -4.77 4.70
CA LEU B 35 3.88 -4.63 3.37
C LEU B 35 3.93 -3.21 2.79
N ALA B 36 5.00 -2.46 3.09
CA ALA B 36 5.27 -1.18 2.45
C ALA B 36 6.21 -1.44 1.29
N PRO B 37 5.88 -0.95 0.09
CA PRO B 37 6.81 -1.11 -1.05
C PRO B 37 8.15 -0.44 -0.77
N ILE B 38 9.23 -1.09 -1.20
CA ILE B 38 10.55 -0.47 -1.21
C ILE B 38 10.81 -0.11 -2.68
N VAL B 39 10.97 1.18 -2.96
CA VAL B 39 10.92 1.67 -4.33
C VAL B 39 12.28 1.61 -5.03
N TRP B 40 12.41 0.66 -5.97
CA TRP B 40 13.60 0.48 -6.81
C TRP B 40 13.19 0.55 -8.26
N GLU B 41 14.12 0.89 -9.15
CA GLU B 41 13.83 0.82 -10.59
C GLU B 41 13.47 -0.63 -10.94
N GLY B 42 12.38 -0.79 -11.68
CA GLY B 42 11.87 -2.12 -12.01
C GLY B 42 10.66 -2.53 -11.21
N THR B 43 10.34 -1.78 -10.15
CA THR B 43 9.20 -2.15 -9.32
C THR B 43 7.93 -1.46 -9.79
N PHE B 44 8.06 -0.39 -10.57
CA PHE B 44 6.89 0.42 -10.92
C PHE B 44 6.83 0.77 -12.40
N ASN B 45 5.60 0.83 -12.91
CA ASN B 45 5.33 1.34 -14.25
C ASN B 45 4.89 2.79 -14.06
N ILE B 46 5.76 3.71 -14.46
CA ILE B 46 5.53 5.12 -14.17
C ILE B 46 4.32 5.66 -14.94
N ASP B 47 3.98 5.01 -16.06
CA ASP B 47 2.84 5.47 -16.85
C ASP B 47 1.53 5.26 -16.10
N ILE B 48 1.42 4.11 -15.42
CA ILE B 48 0.22 3.80 -14.63
C ILE B 48 0.12 4.75 -13.44
N LEU B 49 1.24 4.93 -12.74
CA LEU B 49 1.27 5.80 -11.58
C LEU B 49 0.97 7.26 -11.94
N ASN B 50 1.56 7.75 -13.04
CA ASN B 50 1.27 9.12 -13.50
C ASN B 50 -0.21 9.32 -13.79
N GLU B 51 -0.83 8.35 -14.44
CA GLU B 51 -2.26 8.40 -14.73
C GLU B 51 -3.07 8.41 -13.44
N GLN B 52 -2.68 7.58 -12.48
CA GLN B 52 -3.38 7.55 -11.22
C GLN B 52 -3.26 8.91 -10.53
N PHE B 53 -2.06 9.48 -10.50
CA PHE B 53 -1.89 10.75 -9.79
C PHE B 53 -2.43 11.98 -10.54
N ARG B 54 -2.38 11.98 -11.87
CA ARG B 54 -2.93 13.12 -12.61
C ARG B 54 -4.44 13.18 -12.44
N LEU B 55 -5.07 12.03 -12.18
CA LEU B 55 -6.53 11.98 -11.99
C LEU B 55 -6.98 12.59 -10.65
N GLN B 56 -6.01 12.82 -9.77
CA GLN B 56 -6.25 13.41 -8.45
C GLN B 56 -5.92 14.88 -8.44
N ASN B 57 -5.20 15.33 -9.48
CA ASN B 57 -4.69 16.70 -9.55
C ASN B 57 -3.94 17.08 -8.27
N THR B 58 -2.83 16.38 -8.05
CA THR B 58 -2.03 16.49 -6.82
C THR B 58 -1.02 17.61 -6.91
N THR B 59 -0.83 18.37 -5.82
CA THR B 59 0.26 19.33 -5.73
C THR B 59 1.28 18.82 -4.72
N ILE B 60 2.54 18.78 -5.15
CA ILE B 60 3.62 18.30 -4.31
C ILE B 60 4.47 19.47 -3.84
N GLY B 61 4.65 19.57 -2.53
CA GLY B 61 5.53 20.59 -1.96
C GLY B 61 6.91 19.99 -1.75
N LEU B 62 7.94 20.80 -1.97
CA LEU B 62 9.31 20.38 -1.76
C LEU B 62 9.98 21.41 -0.87
N THR B 63 10.46 20.98 0.30
CA THR B 63 11.13 21.89 1.22
C THR B 63 12.62 21.72 1.20
N VAL B 64 13.32 22.84 1.28
CA VAL B 64 14.76 22.83 1.22
C VAL B 64 15.29 24.01 2.01
N PHE B 65 16.31 23.78 2.84
CA PHE B 65 16.89 24.86 3.63
C PHE B 65 18.18 25.38 3.02
N ALA B 66 18.24 26.70 2.84
CA ALA B 66 19.38 27.37 2.25
C ALA B 66 19.84 28.48 3.20
N ILE B 67 20.37 28.07 4.34
CA ILE B 67 20.73 28.97 5.42
C ILE B 67 22.22 29.33 5.35
N LYS B 68 22.52 30.62 5.47
CA LYS B 68 23.89 31.12 5.37
C LYS B 68 24.54 30.77 4.04
N LYS B 69 25.69 30.11 4.09
CA LYS B 69 26.47 29.88 2.87
C LYS B 69 25.85 28.84 1.94
N TYR B 70 24.85 28.11 2.41
CA TYR B 70 24.22 27.07 1.61
C TYR B 70 23.29 27.61 0.52
N VAL B 71 23.18 28.94 0.42
CA VAL B 71 22.44 29.53 -0.69
C VAL B 71 23.16 29.19 -2.01
N ALA B 72 24.45 28.90 -1.89
CA ALA B 72 25.28 28.58 -3.05
C ALA B 72 24.80 27.33 -3.79
N PHE B 73 24.12 26.43 -3.07
CA PHE B 73 23.65 25.17 -3.62
C PHE B 73 22.33 25.30 -4.39
N LEU B 74 21.61 26.40 -4.15
CA LEU B 74 20.26 26.55 -4.70
C LEU B 74 20.18 26.46 -6.23
N LYS B 75 21.10 27.11 -6.93
CA LYS B 75 20.98 27.18 -8.40
C LYS B 75 20.93 25.79 -9.02
N LEU B 76 21.90 24.93 -8.68
CA LEU B 76 21.94 23.59 -9.26
C LEU B 76 20.81 22.71 -8.74
N PHE B 77 20.47 22.86 -7.46
CA PHE B 77 19.35 22.11 -6.87
C PHE B 77 18.05 22.37 -7.64
N LEU B 78 17.74 23.65 -7.84
CA LEU B 78 16.49 24.03 -8.50
C LEU B 78 16.46 23.73 -10.01
N GLU B 79 17.57 23.97 -10.69
CA GLU B 79 17.66 23.69 -12.12
C GLU B 79 17.45 22.20 -12.38
N THR B 80 18.12 21.36 -11.59
CA THR B 80 18.00 19.92 -11.80
C THR B 80 16.66 19.37 -11.32
N ALA B 81 16.10 19.95 -10.27
CA ALA B 81 14.73 19.61 -9.83
C ALA B 81 13.72 19.89 -10.95
N GLU B 82 13.95 20.96 -11.71
CA GLU B 82 13.11 21.27 -12.86
C GLU B 82 13.18 20.21 -13.95
N LYS B 83 14.34 19.55 -14.07
CA LYS B 83 14.49 18.55 -15.12
C LYS B 83 13.99 17.17 -14.70
N HIS B 84 14.03 16.89 -13.39
CA HIS B 84 13.76 15.53 -12.89
C HIS B 84 12.68 15.33 -11.82
N PHE B 85 12.26 16.38 -11.12
CA PHE B 85 11.38 16.19 -9.98
C PHE B 85 9.90 16.44 -10.31
N MET B 86 9.11 15.37 -10.24
CA MET B 86 7.66 15.46 -10.49
C MET B 86 7.31 16.19 -11.80
N VAL B 87 8.10 15.99 -12.85
CA VAL B 87 7.82 16.64 -14.14
C VAL B 87 6.43 16.21 -14.61
N GLY B 88 5.60 17.19 -14.96
CA GLY B 88 4.24 16.92 -15.44
C GLY B 88 3.19 17.21 -14.39
N HIS B 89 3.62 17.36 -13.14
CA HIS B 89 2.71 17.54 -12.01
C HIS B 89 2.88 18.91 -11.41
N ARG B 90 1.90 19.33 -10.60
CA ARG B 90 2.02 20.61 -9.89
C ARG B 90 3.02 20.54 -8.76
N VAL B 91 3.98 21.47 -8.76
CA VAL B 91 5.00 21.51 -7.74
C VAL B 91 5.09 22.88 -7.08
N HIS B 92 5.28 22.89 -5.76
CA HIS B 92 5.47 24.14 -5.03
C HIS B 92 6.74 24.04 -4.19
N TYR B 93 7.79 24.73 -4.63
CA TYR B 93 9.05 24.77 -3.89
C TYR B 93 8.94 25.75 -2.73
N TYR B 94 9.42 25.32 -1.57
CA TYR B 94 9.54 26.22 -0.44
C TYR B 94 11.01 26.34 -0.05
N VAL B 95 11.59 27.51 -0.24
CA VAL B 95 12.98 27.75 0.13
C VAL B 95 13.04 28.49 1.46
N PHE B 96 13.49 27.80 2.51
CA PHE B 96 13.72 28.41 3.81
C PHE B 96 15.11 29.04 3.80
N THR B 97 15.21 30.34 4.09
CA THR B 97 16.50 30.99 4.05
C THR B 97 16.56 32.23 4.93
N ASP B 98 17.78 32.60 5.33
CA ASP B 98 18.00 33.85 6.05
C ASP B 98 18.33 34.98 5.09
N GLN B 99 18.46 34.66 3.81
CA GLN B 99 18.78 35.66 2.80
C GLN B 99 17.84 35.59 1.60
N PRO B 100 16.66 36.20 1.72
CA PRO B 100 15.68 36.17 0.63
C PRO B 100 16.21 36.69 -0.71
N ALA B 101 17.07 37.71 -0.65
CA ALA B 101 17.60 38.32 -1.88
C ALA B 101 18.68 37.48 -2.57
N ALA B 102 19.15 36.44 -1.89
CA ALA B 102 20.22 35.61 -2.42
C ALA B 102 19.71 34.37 -3.18
N VAL B 103 18.40 34.18 -3.20
CA VAL B 103 17.80 33.06 -3.93
C VAL B 103 17.95 33.31 -5.44
N PRO B 104 18.52 32.35 -6.18
CA PRO B 104 18.76 32.60 -7.62
C PRO B 104 17.47 32.67 -8.43
N ARG B 105 17.51 33.41 -9.53
CA ARG B 105 16.39 33.51 -10.44
C ARG B 105 16.40 32.30 -11.36
N VAL B 106 15.62 31.28 -10.99
CA VAL B 106 15.52 30.09 -11.81
C VAL B 106 14.14 30.03 -12.48
N THR B 107 14.11 30.00 -13.82
CA THR B 107 12.85 29.91 -14.53
C THR B 107 12.23 28.53 -14.34
N LEU B 108 10.91 28.51 -14.15
CA LEU B 108 10.19 27.29 -13.85
C LEU B 108 9.25 26.91 -14.97
N GLY B 109 8.99 25.61 -15.09
CA GLY B 109 8.03 25.12 -16.06
C GLY B 109 6.63 25.46 -15.60
N THR B 110 5.65 25.25 -16.47
CA THR B 110 4.26 25.57 -16.15
C THR B 110 3.75 24.68 -15.01
N GLY B 111 2.91 25.25 -14.15
CA GLY B 111 2.36 24.52 -13.02
C GLY B 111 3.32 24.36 -11.84
N ARG B 112 4.43 25.10 -11.89
CA ARG B 112 5.47 25.03 -10.87
C ARG B 112 5.77 26.41 -10.28
N GLN B 113 5.85 26.49 -8.96
CA GLN B 113 6.06 27.80 -8.33
C GLN B 113 7.00 27.72 -7.12
N LEU B 114 7.55 28.86 -6.74
CA LEU B 114 8.50 28.89 -5.64
C LEU B 114 8.15 29.99 -4.65
N SER B 115 8.15 29.63 -3.37
CA SER B 115 7.97 30.63 -2.31
C SER B 115 9.20 30.68 -1.43
N VAL B 116 9.60 31.88 -1.04
CA VAL B 116 10.75 32.03 -0.13
C VAL B 116 10.26 32.27 1.29
N LEU B 117 10.73 31.45 2.22
CA LEU B 117 10.34 31.61 3.62
C LEU B 117 11.52 32.10 4.44
N GLU B 118 11.44 33.35 4.90
CA GLU B 118 12.50 33.95 5.68
C GLU B 118 12.47 33.43 7.12
N VAL B 119 13.55 32.76 7.52
CA VAL B 119 13.68 32.23 8.88
C VAL B 119 15.05 32.59 9.45
N ARG B 120 15.25 32.31 10.72
CA ARG B 120 16.49 32.70 11.36
C ARG B 120 17.63 31.71 11.07
N ALA B 121 18.85 32.20 11.21
CA ALA B 121 20.04 31.36 11.03
C ALA B 121 20.69 31.05 12.37
N TYR B 122 20.87 29.78 12.68
CA TYR B 122 21.59 29.37 13.88
C TYR B 122 23.09 29.34 13.58
N LYS B 123 23.91 29.55 14.60
CA LYS B 123 25.36 29.61 14.43
C LYS B 123 25.98 28.23 14.15
N ARG B 124 25.56 27.22 14.91
CA ARG B 124 26.09 25.86 14.74
C ARG B 124 25.37 25.13 13.61
N TRP B 125 26.13 24.45 12.76
CA TRP B 125 25.56 23.71 11.65
C TRP B 125 24.65 22.60 12.17
N GLN B 126 24.97 22.06 13.34
CA GLN B 126 24.14 21.04 13.96
C GLN B 126 22.75 21.60 14.27
N ASP B 127 22.72 22.85 14.74
CA ASP B 127 21.44 23.47 15.10
C ASP B 127 20.66 23.86 13.84
N VAL B 128 21.35 24.33 12.81
CA VAL B 128 20.66 24.62 11.55
C VAL B 128 19.96 23.36 11.04
N SER B 129 20.70 22.25 11.03
CA SER B 129 20.17 20.98 10.56
C SER B 129 19.00 20.51 11.41
N MET B 130 19.18 20.54 12.74
CA MET B 130 18.16 20.04 13.66
C MET B 130 16.89 20.88 13.66
N ARG B 131 17.05 22.21 13.61
CA ARG B 131 15.89 23.11 13.70
C ARG B 131 14.98 23.04 12.47
N ARG B 132 15.39 22.28 11.45
CA ARG B 132 14.54 22.08 10.29
C ARG B 132 13.23 21.43 10.70
N MET B 133 13.30 20.54 11.69
CA MET B 133 12.11 19.85 12.16
C MET B 133 11.11 20.85 12.73
N GLU B 134 11.60 21.78 13.56
CA GLU B 134 10.71 22.78 14.15
C GLU B 134 10.10 23.67 13.07
N MET B 135 10.94 24.11 12.12
CA MET B 135 10.52 25.05 11.10
C MET B 135 9.55 24.42 10.09
N ILE B 136 9.74 23.15 9.77
CA ILE B 136 8.84 22.51 8.84
C ILE B 136 7.48 22.35 9.50
N SER B 137 7.49 21.90 10.75
CA SER B 137 6.28 21.67 11.53
C SER B 137 5.49 22.97 11.67
N ASP B 138 6.18 24.05 12.04
CA ASP B 138 5.53 25.35 12.19
C ASP B 138 4.82 25.75 10.89
N PHE B 139 5.52 25.56 9.77
CA PHE B 139 4.99 26.00 8.48
C PHE B 139 3.95 25.06 7.89
N CYS B 140 3.85 23.84 8.41
CA CYS B 140 2.72 22.97 8.06
C CYS B 140 1.43 23.66 8.45
N GLU B 141 1.45 24.24 9.63
CA GLU B 141 0.26 24.93 10.15
C GLU B 141 0.03 26.25 9.45
N ARG B 142 1.12 26.94 9.10
CA ARG B 142 1.00 28.29 8.57
C ARG B 142 0.66 28.33 7.10
N ARG B 143 1.19 27.37 6.35
CA ARG B 143 1.12 27.35 4.88
C ARG B 143 0.74 26.00 4.29
N PHE B 144 1.47 24.94 4.67
CA PHE B 144 1.48 23.71 3.86
C PHE B 144 0.16 22.95 3.80
N LEU B 145 -0.57 22.91 4.92
CA LEU B 145 -1.81 22.14 4.97
C LEU B 145 -2.83 22.67 3.98
N SER B 146 -2.79 23.99 3.77
CA SER B 146 -3.72 24.65 2.85
C SER B 146 -3.24 24.65 1.39
N GLU B 147 -1.93 24.53 1.19
CA GLU B 147 -1.34 24.75 -0.14
C GLU B 147 -0.91 23.52 -0.95
N VAL B 148 -0.56 22.43 -0.27
CA VAL B 148 -0.09 21.23 -0.97
C VAL B 148 -0.65 19.95 -0.38
N ASP B 149 -0.54 18.86 -1.13
CA ASP B 149 -1.08 17.58 -0.69
C ASP B 149 0.00 16.69 -0.08
N TYR B 150 1.22 16.83 -0.56
CA TYR B 150 2.35 16.05 -0.06
C TYR B 150 3.51 16.97 0.19
N LEU B 151 4.36 16.60 1.15
CA LEU B 151 5.60 17.31 1.37
C LEU B 151 6.77 16.37 1.20
N VAL B 152 7.77 16.84 0.45
CA VAL B 152 9.04 16.16 0.32
C VAL B 152 10.13 17.06 0.90
N CYS B 153 10.87 16.53 1.87
CA CYS B 153 11.81 17.33 2.67
C CYS B 153 13.23 16.85 2.44
N VAL B 154 14.05 17.68 1.80
CA VAL B 154 15.40 17.27 1.39
C VAL B 154 16.53 18.26 1.75
N ASP B 155 17.76 17.73 1.78
CA ASP B 155 18.99 18.54 1.86
C ASP B 155 19.17 19.35 0.57
N VAL B 156 19.86 20.49 0.67
CA VAL B 156 20.04 21.40 -0.49
C VAL B 156 21.33 21.12 -1.23
N ASP B 157 22.30 20.49 -0.55
CA ASP B 157 23.64 20.29 -1.11
C ASP B 157 23.65 19.09 -2.05
N MET B 158 22.67 19.09 -2.95
CA MET B 158 22.31 17.91 -3.73
C MET B 158 21.91 18.31 -5.15
N GLU B 159 21.86 17.33 -6.04
CA GLU B 159 21.35 17.59 -7.39
C GLU B 159 20.57 16.38 -7.85
N PHE B 160 19.55 16.62 -8.66
CA PHE B 160 18.85 15.54 -9.31
C PHE B 160 19.58 15.11 -10.59
N ARG B 161 19.76 13.80 -10.73
CA ARG B 161 20.42 13.27 -11.92
C ARG B 161 19.51 12.38 -12.76
N ASP B 162 18.36 11.97 -12.21
CA ASP B 162 17.45 11.08 -12.92
C ASP B 162 16.06 11.20 -12.26
N HIS B 163 15.11 10.45 -12.79
CA HIS B 163 13.69 10.56 -12.43
C HIS B 163 13.44 10.47 -10.92
N VAL B 164 12.72 11.43 -10.36
CA VAL B 164 12.18 11.33 -9.00
C VAL B 164 10.73 11.80 -9.10
N GLY B 165 9.79 10.86 -9.02
CA GLY B 165 8.43 11.13 -9.40
C GLY B 165 7.39 10.59 -8.43
N VAL B 166 6.15 10.44 -8.90
CA VAL B 166 5.04 10.13 -7.99
C VAL B 166 5.14 8.74 -7.36
N GLU B 167 6.05 7.91 -7.85
CA GLU B 167 6.29 6.61 -7.22
C GLU B 167 6.67 6.73 -5.73
N ILE B 168 7.20 7.89 -5.31
CA ILE B 168 7.59 8.09 -3.93
C ILE B 168 6.42 8.50 -3.02
N LEU B 169 5.30 8.89 -3.63
CA LEU B 169 4.23 9.53 -2.86
C LEU B 169 3.36 8.52 -2.11
N THR B 170 3.10 8.83 -0.84
CA THR B 170 2.47 7.90 0.09
C THR B 170 2.24 8.67 1.41
N PRO B 171 1.42 8.14 2.35
CA PRO B 171 1.26 8.93 3.59
C PRO B 171 2.57 9.23 4.34
N LEU B 172 3.52 8.30 4.35
CA LEU B 172 4.75 8.52 5.10
C LEU B 172 5.89 7.71 4.49
N PHE B 173 6.98 8.38 4.11
CA PHE B 173 8.13 7.65 3.58
C PHE B 173 9.46 8.10 4.16
N GLY B 174 10.38 7.15 4.28
CA GLY B 174 11.77 7.45 4.62
C GLY B 174 12.62 6.86 3.50
N THR B 175 13.92 7.17 3.49
CA THR B 175 14.82 6.72 2.43
C THR B 175 15.99 5.95 3.04
N LEU B 176 16.37 4.84 2.41
CA LEU B 176 17.51 4.07 2.92
C LEU B 176 18.79 4.87 2.76
N HIS B 177 19.50 5.09 3.86
CA HIS B 177 20.78 5.82 3.86
C HIS B 177 21.78 4.99 3.04
N PRO B 178 22.46 5.65 2.09
CA PRO B 178 23.30 4.91 1.13
C PRO B 178 24.49 4.25 1.79
N GLY B 179 24.86 4.69 2.98
CA GLY B 179 26.02 4.11 3.63
C GLY B 179 25.75 2.82 4.37
N PHE B 180 24.47 2.46 4.54
CA PHE B 180 24.09 1.41 5.47
C PHE B 180 23.05 0.41 4.95
N TYR B 181 22.61 0.57 3.70
CA TYR B 181 21.54 -0.28 3.20
C TYR B 181 21.85 -1.79 3.29
N GLY B 182 23.12 -2.17 3.17
CA GLY B 182 23.51 -3.57 3.26
C GLY B 182 24.09 -4.02 4.60
N SER B 183 23.98 -3.15 5.61
CA SER B 183 24.51 -3.43 6.94
C SER B 183 23.50 -4.15 7.83
N SER B 184 24.01 -4.79 8.88
CA SER B 184 23.18 -5.39 9.92
C SER B 184 22.83 -4.31 10.92
N ARG B 185 21.73 -4.50 11.64
CA ARG B 185 21.21 -3.47 12.53
C ARG B 185 22.14 -3.07 13.67
N GLU B 186 23.00 -3.98 14.10
CA GLU B 186 23.96 -3.68 15.15
C GLU B 186 24.99 -2.65 14.68
N ALA B 187 25.19 -2.58 13.37
CA ALA B 187 26.17 -1.66 12.79
C ALA B 187 25.57 -0.30 12.44
N PHE B 188 24.23 -0.19 12.49
CA PHE B 188 23.56 1.09 12.27
C PHE B 188 24.03 2.11 13.31
N THR B 189 24.18 3.36 12.88
CA THR B 189 24.63 4.43 13.77
C THR B 189 23.45 5.12 14.47
N TYR B 190 22.49 4.32 14.94
CA TYR B 190 21.42 4.82 15.80
C TYR B 190 22.02 5.47 17.04
N GLU B 191 21.26 6.34 17.70
CA GLU B 191 21.68 6.77 19.04
C GLU B 191 21.63 5.55 19.96
N ARG B 192 22.71 5.29 20.69
CA ARG B 192 22.79 4.11 21.55
C ARG B 192 22.79 4.41 23.06
N ARG B 193 22.73 5.69 23.43
CA ARG B 193 22.71 6.06 24.83
C ARG B 193 21.26 6.16 25.31
N PRO B 194 20.90 5.34 26.30
CA PRO B 194 19.53 5.30 26.84
C PRO B 194 19.09 6.64 27.43
N GLN B 195 20.05 7.54 27.64
CA GLN B 195 19.76 8.87 28.18
C GLN B 195 19.06 9.75 27.14
N SER B 196 19.21 9.40 25.86
CA SER B 196 18.63 10.21 24.79
C SER B 196 17.27 9.68 24.34
N GLN B 197 16.37 10.59 23.96
CA GLN B 197 15.08 10.18 23.43
C GLN B 197 15.22 9.38 22.14
N ALA B 198 16.32 9.58 21.42
CA ALA B 198 16.55 8.90 20.15
C ALA B 198 17.08 7.47 20.30
N TYR B 199 17.29 7.03 21.54
CA TYR B 199 17.84 5.69 21.84
C TYR B 199 17.12 4.55 21.11
N ILE B 200 17.90 3.67 20.48
CA ILE B 200 17.39 2.42 19.94
C ILE B 200 18.37 1.30 20.32
N PRO B 201 17.88 0.26 21.01
CA PRO B 201 18.77 -0.84 21.45
C PRO B 201 19.33 -1.64 20.27
N LYS B 202 20.39 -2.40 20.53
CA LYS B 202 21.06 -3.18 19.48
C LYS B 202 20.16 -4.22 18.82
N ASP B 203 19.16 -4.72 19.55
CA ASP B 203 18.26 -5.76 19.01
C ASP B 203 17.00 -5.19 18.32
N GLU B 204 16.96 -3.88 18.11
CA GLU B 204 15.86 -3.25 17.39
C GLU B 204 16.31 -2.47 16.14
N GLY B 205 15.37 -2.27 15.22
CA GLY B 205 15.64 -1.49 14.02
C GLY B 205 15.35 -2.27 12.75
N ASP B 206 14.70 -1.62 11.80
CA ASP B 206 14.41 -2.22 10.51
C ASP B 206 15.47 -1.77 9.52
N PHE B 207 15.61 -0.45 9.37
CA PHE B 207 16.52 0.16 8.42
C PHE B 207 17.17 1.38 9.05
N TYR B 208 18.25 1.85 8.43
CA TYR B 208 18.82 3.14 8.81
C TYR B 208 18.38 4.16 7.76
N TYR B 209 17.46 5.05 8.15
CA TYR B 209 16.93 6.03 7.21
C TYR B 209 17.81 7.29 7.18
N GLY B 210 17.97 7.87 6.00
CA GLY B 210 18.76 9.09 5.89
C GLY B 210 18.00 10.35 6.24
N GLY B 211 18.63 11.26 7.00
CA GLY B 211 18.00 12.51 7.35
C GLY B 211 17.74 13.43 6.16
N ALA B 212 18.40 13.16 5.03
CA ALA B 212 18.36 14.10 3.90
C ALA B 212 17.16 13.93 2.95
N PHE B 213 16.28 12.98 3.21
CA PHE B 213 15.17 12.71 2.26
C PHE B 213 14.05 11.95 2.96
N PHE B 214 13.01 12.67 3.36
CA PHE B 214 11.80 12.04 3.87
C PHE B 214 10.60 12.86 3.44
N GLY B 215 9.40 12.35 3.69
CA GLY B 215 8.21 13.09 3.35
C GLY B 215 6.94 12.29 3.52
N GLY B 216 5.87 12.74 2.87
CA GLY B 216 4.58 12.09 3.03
C GLY B 216 3.48 13.13 2.91
N SER B 217 2.30 12.77 3.38
CA SER B 217 1.18 13.71 3.42
C SER B 217 1.54 14.83 4.39
N VAL B 218 0.94 16.00 4.23
CA VAL B 218 1.25 17.10 5.12
C VAL B 218 0.94 16.72 6.56
N GLN B 219 -0.16 16.00 6.76
CA GLN B 219 -0.60 15.56 8.10
C GLN B 219 0.49 14.73 8.76
N GLU B 220 0.95 13.67 8.07
CA GLU B 220 2.04 12.82 8.59
C GLU B 220 3.36 13.54 8.77
N VAL B 221 3.73 14.38 7.81
CA VAL B 221 4.97 15.14 7.95
C VAL B 221 4.88 16.11 9.13
N GLN B 222 3.71 16.71 9.35
CA GLN B 222 3.51 17.58 10.51
C GLN B 222 3.72 16.81 11.81
N ARG B 223 3.17 15.62 11.90
CA ARG B 223 3.33 14.77 13.08
C ARG B 223 4.79 14.38 13.32
N LEU B 224 5.48 13.95 12.26
CA LEU B 224 6.87 13.50 12.36
C LEU B 224 7.80 14.63 12.80
N THR B 225 7.65 15.80 12.18
CA THR B 225 8.55 16.91 12.47
C THR B 225 8.29 17.47 13.87
N ARG B 226 7.03 17.63 14.24
CA ARG B 226 6.70 18.04 15.60
C ARG B 226 7.28 17.06 16.62
N ALA B 227 7.12 15.76 16.36
CA ALA B 227 7.61 14.75 17.30
C ALA B 227 9.13 14.78 17.42
N CYS B 228 9.83 14.87 16.30
CA CYS B 228 11.28 14.92 16.33
C CYS B 228 11.80 16.16 17.05
N HIS B 229 11.15 17.29 16.83
CA HIS B 229 11.56 18.52 17.51
C HIS B 229 11.35 18.42 19.01
N GLN B 230 10.21 17.86 19.42
CA GLN B 230 9.93 17.72 20.84
C GLN B 230 10.97 16.85 21.51
N ALA B 231 11.30 15.73 20.85
CA ALA B 231 12.33 14.81 21.32
C ALA B 231 13.67 15.51 21.48
N MET B 232 14.06 16.32 20.50
CA MET B 232 15.31 17.06 20.57
C MET B 232 15.31 18.05 21.75
N MET B 233 14.17 18.67 22.01
CA MET B 233 14.08 19.62 23.11
C MET B 233 14.14 18.95 24.49
N VAL B 234 13.64 17.72 24.58
CA VAL B 234 13.78 16.96 25.82
C VAL B 234 15.25 16.62 26.04
N ASP B 235 15.90 16.14 24.99
CA ASP B 235 17.33 15.85 25.02
C ASP B 235 18.14 17.06 25.46
N GLN B 236 17.79 18.23 24.94
CA GLN B 236 18.51 19.46 25.27
C GLN B 236 18.39 19.77 26.76
N ALA B 237 17.18 19.60 27.31
CA ALA B 237 16.96 19.73 28.75
C ALA B 237 17.77 18.73 29.56
N ASN B 238 18.02 17.56 28.99
CA ASN B 238 18.78 16.53 29.68
C ASN B 238 20.28 16.55 29.38
N GLY B 239 20.74 17.68 28.82
CA GLY B 239 22.14 17.89 28.54
C GLY B 239 22.75 16.87 27.59
N ILE B 240 21.95 16.43 26.62
CA ILE B 240 22.44 15.45 25.65
C ILE B 240 22.02 15.86 24.22
N GLU B 241 22.88 15.56 23.25
CA GLU B 241 22.59 15.81 21.83
C GLU B 241 22.85 14.52 21.06
N ALA B 242 21.83 14.04 20.35
CA ALA B 242 21.93 12.77 19.62
C ALA B 242 23.13 12.70 18.67
N VAL B 243 23.70 11.51 18.51
CA VAL B 243 24.93 11.32 17.73
C VAL B 243 24.82 11.82 16.29
N TRP B 244 23.67 11.64 15.67
CA TRP B 244 23.45 12.14 14.32
C TRP B 244 22.28 13.11 14.25
N HIS B 245 22.04 13.82 15.37
CA HIS B 245 21.19 14.99 15.37
C HIS B 245 19.78 14.66 14.87
N ASP B 246 19.25 15.44 13.91
CA ASP B 246 17.88 15.21 13.43
C ASP B 246 17.69 13.80 12.85
N GLU B 247 18.72 13.28 12.19
CA GLU B 247 18.66 11.93 11.64
C GLU B 247 18.42 10.85 12.70
N SER B 248 19.08 10.97 13.85
CA SER B 248 18.87 10.00 14.94
C SER B 248 17.41 9.96 15.36
N HIS B 249 16.81 11.13 15.49
CA HIS B 249 15.42 11.23 15.92
C HIS B 249 14.45 10.78 14.84
N LEU B 250 14.77 11.08 13.58
CA LEU B 250 14.02 10.56 12.45
C LEU B 250 13.95 9.04 12.49
N ASN B 251 15.09 8.42 12.74
CA ASN B 251 15.12 6.95 12.87
C ASN B 251 14.29 6.41 14.05
N LYS B 252 14.38 7.05 15.21
CA LYS B 252 13.53 6.63 16.35
C LYS B 252 12.05 6.71 15.97
N TYR B 253 11.67 7.77 15.27
CA TYR B 253 10.28 7.98 14.92
C TYR B 253 9.82 6.92 13.92
N LEU B 254 10.63 6.67 12.88
CA LEU B 254 10.24 5.72 11.85
C LEU B 254 10.30 4.25 12.29
N LEU B 255 11.04 3.96 13.36
CA LEU B 255 10.99 2.64 13.97
C LEU B 255 9.61 2.38 14.57
N ARG B 256 9.05 3.36 15.27
CA ARG B 256 7.80 3.15 15.99
C ARG B 256 6.56 3.59 15.23
N HIS B 257 6.77 4.29 14.11
CA HIS B 257 5.69 4.67 13.20
C HIS B 257 6.17 4.30 11.80
N LYS B 258 5.82 3.08 11.35
CA LYS B 258 6.40 2.52 10.12
C LYS B 258 5.99 3.31 8.89
N PRO B 259 6.97 3.60 8.01
CA PRO B 259 6.63 4.30 6.77
C PRO B 259 5.81 3.39 5.85
N THR B 260 4.92 4.01 5.07
CA THR B 260 4.08 3.32 4.10
C THR B 260 4.75 3.05 2.72
N LYS B 261 5.88 3.72 2.48
CA LYS B 261 6.83 3.33 1.41
C LYS B 261 8.22 3.61 1.94
N VAL B 262 9.21 2.83 1.49
CA VAL B 262 10.60 3.10 1.79
C VAL B 262 11.30 3.32 0.46
N LEU B 263 12.10 4.38 0.35
CA LEU B 263 12.77 4.65 -0.92
C LEU B 263 14.15 4.02 -0.87
N SER B 264 14.55 3.40 -1.98
CA SER B 264 15.86 2.78 -2.10
C SER B 264 16.97 3.83 -2.16
N PRO B 265 18.25 3.41 -2.03
CA PRO B 265 19.32 4.42 -2.10
C PRO B 265 19.51 5.04 -3.48
N GLU B 266 18.76 4.59 -4.48
CA GLU B 266 18.70 5.28 -5.76
C GLU B 266 18.33 6.75 -5.51
N TYR B 267 17.57 6.98 -4.45
CA TYR B 267 17.03 8.30 -4.13
C TYR B 267 17.92 9.15 -3.22
N LEU B 268 19.04 8.59 -2.76
CA LEU B 268 19.92 9.31 -1.86
C LEU B 268 21.30 8.67 -1.94
N TRP B 269 22.18 9.28 -2.73
CA TRP B 269 23.44 8.62 -3.06
C TRP B 269 24.61 9.59 -3.10
N ASP B 270 25.82 9.06 -2.98
CA ASP B 270 27.03 9.88 -3.11
C ASP B 270 28.01 9.02 -3.89
N GLN B 271 28.15 9.31 -5.18
CA GLN B 271 29.01 8.49 -6.05
C GLN B 271 30.48 8.63 -5.69
N GLN B 272 30.87 9.79 -5.16
CA GLN B 272 32.27 9.97 -4.78
C GLN B 272 32.65 9.00 -3.66
N LEU B 273 31.74 8.79 -2.71
CA LEU B 273 32.03 7.94 -1.57
C LEU B 273 31.74 6.45 -1.82
N LEU B 274 30.81 6.15 -2.72
CA LEU B 274 30.29 4.79 -2.82
C LEU B 274 30.30 4.20 -4.23
N GLY B 275 30.70 4.99 -5.22
CA GLY B 275 30.76 4.50 -6.59
C GLY B 275 29.40 4.23 -7.20
N TRP B 276 29.33 3.25 -8.09
CA TRP B 276 28.07 2.91 -8.76
C TRP B 276 27.91 1.38 -8.84
N PRO B 277 27.42 0.76 -7.76
CA PRO B 277 27.24 -0.69 -7.63
C PRO B 277 26.15 -1.21 -8.58
N ALA B 278 26.28 -2.45 -9.00
CA ALA B 278 25.32 -3.06 -9.92
C ALA B 278 23.89 -2.98 -9.42
N VAL B 279 23.74 -3.02 -8.10
N VAL B 279 23.69 -3.08 -8.11
CA VAL B 279 22.44 -3.01 -7.43
CA VAL B 279 22.32 -3.07 -7.58
C VAL B 279 21.66 -1.70 -7.61
C VAL B 279 21.59 -1.75 -7.84
N LEU B 280 22.33 -0.67 -8.08
CA LEU B 280 21.71 0.62 -8.35
C LEU B 280 21.58 0.84 -9.86
N ARG B 281 20.37 0.66 -10.39
CA ARG B 281 20.17 0.83 -11.83
C ARG B 281 20.16 2.31 -12.20
N LYS B 282 19.80 3.15 -11.24
CA LYS B 282 19.78 4.59 -11.46
C LYS B 282 20.29 5.35 -10.24
N LEU B 283 21.00 6.44 -10.50
CA LEU B 283 21.36 7.38 -9.43
C LEU B 283 20.52 8.64 -9.63
N ARG B 284 19.54 8.80 -8.76
CA ARG B 284 18.49 9.80 -8.97
C ARG B 284 18.76 11.15 -8.32
N PHE B 285 19.26 11.12 -7.10
CA PHE B 285 19.41 12.33 -6.29
C PHE B 285 20.70 12.15 -5.51
N THR B 286 21.69 12.99 -5.78
CA THR B 286 23.07 12.71 -5.35
C THR B 286 23.77 13.90 -4.68
N ALA B 287 24.76 13.60 -3.85
CA ALA B 287 25.54 14.63 -3.16
C ALA B 287 26.39 15.46 -4.13
N VAL B 288 26.49 16.76 -3.85
CA VAL B 288 27.42 17.64 -4.55
C VAL B 288 28.63 17.80 -3.63
N PRO B 289 29.85 17.74 -4.21
CA PRO B 289 31.13 17.96 -3.53
C PRO B 289 31.15 19.06 -2.46
#